data_6NPV
#
_entry.id   6NPV
#
_cell.length_a   74.973
_cell.length_b   95.287
_cell.length_c   115.361
_cell.angle_alpha   90.000
_cell.angle_beta   90.000
_cell.angle_gamma   90.000
#
_symmetry.space_group_name_H-M   'P 21 21 21'
#
loop_
_entity.id
_entity.type
_entity.pdbx_description
1 polymer 'Tyrosine-protein kinase ABL1'
2 non-polymer 'SULFATE ION'
3 non-polymer 4-(4-METHYL-PIPERAZIN-1-YLMETHYL)-N-[4-METHYL-3-(4-PYRIDIN-3-YL-PYRIMIDIN-2-YLAMINO)-PHENYL]-BENZAMIDE
4 non-polymer ~{N}-[(4~{S})-2-(3,4-dichlorophenyl)-4-(2-hydroxyethyl)-3,4-dihydropyrazol-5-yl]pyridine-4-carboxamide
5 non-polymer GLYCEROL
6 non-polymer 'NONAETHYLENE GLYCOL'
7 water water
#
_entity_poly.entity_id   1
_entity_poly.type   'polypeptide(L)'
_entity_poly.pdbx_seq_one_letter_code
;MHHHHHHENLYFQGSPNYDKWEMERTDITMKHKLGGGQYGEVYEGVWKKYSLTVAVKTLKEDTMEVEEFLKEAAVMKEIK
HPNLVQLLGVCTREPPFYIITEFMTYGNLLDYLRECNRQEVNAVVLLYMATQISSAMEYLEKKNFIHRDLAARNCLVGEN
HLVKVADFGLSRLMTGDTYTAHAGAKFPIKWTAPESLAYNKFSIKSDVWAFGVLLWEIATYGMSPYPGIDLSQVYELLEK
DYRMERPEGCPEKVYELMRACWQWNPSDRPSFAEIHQAFETMFQESSISDEVEKELGK
;
_entity_poly.pdbx_strand_id   A,B
#
# COMPACT_ATOMS: atom_id res chain seq x y z
N TYR A 18 -10.25 -29.99 8.80
CA TYR A 18 -9.76 -28.88 7.98
C TYR A 18 -10.91 -28.19 7.28
N ASP A 19 -11.13 -26.91 7.59
CA ASP A 19 -12.31 -26.21 7.09
C ASP A 19 -11.95 -25.28 5.94
N LYS A 20 -12.83 -24.31 5.68
CA LYS A 20 -12.73 -23.40 4.55
C LYS A 20 -11.44 -22.56 4.57
N TRP A 21 -10.91 -22.32 5.76
CA TRP A 21 -9.76 -21.42 5.94
C TRP A 21 -8.42 -22.11 5.75
N GLU A 22 -8.40 -23.44 5.62
CA GLU A 22 -7.14 -24.15 5.53
C GLU A 22 -6.46 -23.80 4.22
N MET A 23 -5.20 -23.40 4.28
CA MET A 23 -4.48 -23.20 3.03
C MET A 23 -3.19 -23.99 3.04
N GLU A 24 -2.75 -24.33 1.83
CA GLU A 24 -1.54 -25.13 1.69
C GLU A 24 -0.33 -24.31 2.09
N ARG A 25 0.56 -24.91 2.89
CA ARG A 25 1.73 -24.19 3.35
C ARG A 25 2.59 -23.66 2.21
N THR A 26 2.62 -24.37 1.08
CA THR A 26 3.44 -23.91 -0.04
C THR A 26 2.83 -22.72 -0.78
N ASP A 27 1.63 -22.28 -0.41
CA ASP A 27 1.08 -21.05 -0.97
C ASP A 27 1.78 -19.80 -0.42
N ILE A 28 2.52 -19.95 0.68
CA ILE A 28 3.11 -18.84 1.43
C ILE A 28 4.62 -18.92 1.37
N THR A 29 5.27 -17.82 1.01
CA THR A 29 6.72 -17.72 1.15
C THR A 29 7.03 -17.07 2.49
N MET A 30 7.71 -17.79 3.37
CA MET A 30 8.02 -17.24 4.69
C MET A 30 9.30 -16.44 4.62
N LYS A 31 9.25 -15.19 5.09
CA LYS A 31 10.45 -14.39 5.15
C LYS A 31 10.83 -14.24 6.63
N HIS A 32 11.32 -13.09 7.00
CA HIS A 32 11.91 -12.89 8.31
C HIS A 32 10.84 -12.63 9.36
N LYS A 33 11.24 -12.73 10.62
CA LYS A 33 10.37 -12.27 11.70
C LYS A 33 9.95 -10.83 11.47
N LEU A 34 8.68 -10.56 11.70
CA LEU A 34 8.13 -9.23 11.41
C LEU A 34 8.60 -8.26 12.49
N GLY A 35 9.33 -7.23 12.07
CA GLY A 35 9.99 -6.38 13.03
C GLY A 35 11.11 -7.06 13.79
N GLY A 36 11.64 -8.17 13.28
CA GLY A 36 12.79 -8.82 13.88
C GLY A 36 12.61 -9.31 15.29
N GLY A 37 11.39 -9.62 15.70
CA GLY A 37 11.08 -10.06 17.06
C GLY A 37 10.11 -9.18 17.82
N GLN A 38 9.76 -8.02 17.26
CA GLN A 38 8.86 -7.09 17.92
C GLN A 38 7.53 -7.74 18.32
N TYR A 39 7.03 -8.68 17.52
CA TYR A 39 5.70 -9.26 17.74
C TYR A 39 5.77 -10.72 18.18
N GLY A 40 6.93 -11.18 18.61
CA GLY A 40 7.09 -12.59 18.91
C GLY A 40 7.18 -13.39 17.63
N GLU A 41 6.54 -14.56 17.64
CA GLU A 41 6.60 -15.51 16.51
C GLU A 41 5.60 -15.10 15.44
N VAL A 42 5.84 -13.93 14.86
CA VAL A 42 5.07 -13.45 13.71
C VAL A 42 6.07 -13.10 12.63
N TYR A 43 5.81 -13.59 11.41
CA TYR A 43 6.73 -13.49 10.30
C TYR A 43 6.08 -12.72 9.17
N GLU A 44 6.90 -11.99 8.42
CA GLU A 44 6.44 -11.43 7.17
C GLU A 44 6.46 -12.53 6.12
N GLY A 45 5.41 -12.63 5.31
CA GLY A 45 5.32 -13.66 4.30
C GLY A 45 4.80 -13.08 2.99
N VAL A 46 4.73 -13.93 1.97
CA VAL A 46 4.11 -13.56 0.71
C VAL A 46 3.07 -14.61 0.33
N TRP A 47 1.85 -14.14 0.06
CA TRP A 47 0.82 -14.98 -0.54
C TRP A 47 1.07 -14.95 -2.05
N LYS A 48 1.76 -15.97 -2.54
CA LYS A 48 2.43 -15.88 -3.84
C LYS A 48 1.44 -15.64 -4.97
N LYS A 49 0.30 -16.35 -4.97
CA LYS A 49 -0.60 -16.33 -6.11
C LYS A 49 -1.25 -14.96 -6.32
N TYR A 50 -1.32 -14.14 -5.28
CA TYR A 50 -1.89 -12.81 -5.37
C TYR A 50 -0.85 -11.71 -5.20
N SER A 51 0.44 -12.06 -5.08
CA SER A 51 1.52 -11.09 -4.91
C SER A 51 1.24 -10.15 -3.74
N LEU A 52 0.77 -10.70 -2.62
CA LEU A 52 0.41 -9.90 -1.45
C LEU A 52 1.34 -10.20 -0.29
N THR A 53 1.82 -9.15 0.39
CA THR A 53 2.54 -9.36 1.64
C THR A 53 1.53 -9.72 2.72
N VAL A 54 1.88 -10.67 3.58
CA VAL A 54 0.98 -11.13 4.64
C VAL A 54 1.77 -11.20 5.96
N ALA A 55 1.05 -11.31 7.06
CA ALA A 55 1.64 -11.54 8.38
C ALA A 55 1.27 -12.95 8.81
N VAL A 56 2.24 -13.67 9.37
CA VAL A 56 2.07 -15.10 9.67
C VAL A 56 2.45 -15.35 11.12
N LYS A 57 1.46 -15.63 11.96
CA LYS A 57 1.72 -16.00 13.35
C LYS A 57 1.89 -17.51 13.45
N THR A 58 2.96 -17.94 14.11
CA THR A 58 3.31 -19.36 14.18
C THR A 58 3.34 -19.81 15.63
N LEU A 59 3.08 -21.09 15.84
CA LEU A 59 3.13 -21.68 17.18
C LEU A 59 4.53 -22.23 17.39
N LYS A 60 5.29 -21.58 18.27
CA LYS A 60 6.69 -21.89 18.54
C LYS A 60 6.96 -23.38 18.78
N VAL A 66 -1.49 -24.17 22.44
CA VAL A 66 -2.11 -24.83 21.30
C VAL A 66 -3.61 -24.63 21.33
N GLU A 67 -4.18 -24.92 22.51
CA GLU A 67 -5.59 -24.64 22.76
C GLU A 67 -5.91 -23.18 22.50
N GLU A 68 -5.11 -22.28 23.08
CA GLU A 68 -5.34 -20.85 22.91
C GLU A 68 -5.07 -20.40 21.48
N PHE A 69 -4.06 -20.98 20.84
CA PHE A 69 -3.75 -20.64 19.45
C PHE A 69 -4.96 -20.89 18.56
N LEU A 70 -5.50 -22.11 18.59
CA LEU A 70 -6.66 -22.43 17.76
C LEU A 70 -7.88 -21.63 18.17
N LYS A 71 -7.98 -21.27 19.45
CA LYS A 71 -9.11 -20.42 19.88
C LYS A 71 -9.06 -19.05 19.20
N GLU A 72 -7.86 -18.46 19.09
CA GLU A 72 -7.73 -17.18 18.42
C GLU A 72 -8.14 -17.30 16.96
N ALA A 73 -7.74 -18.37 16.28
CA ALA A 73 -8.13 -18.56 14.90
C ALA A 73 -9.64 -18.67 14.77
N ALA A 74 -10.29 -19.40 15.68
CA ALA A 74 -11.74 -19.55 15.64
C ALA A 74 -12.46 -18.20 15.80
N VAL A 75 -11.98 -17.36 16.71
CA VAL A 75 -12.56 -16.02 16.87
C VAL A 75 -12.42 -15.23 15.58
N MET A 76 -11.22 -15.25 14.98
CA MET A 76 -10.97 -14.44 13.79
C MET A 76 -11.79 -14.90 12.59
N LYS A 77 -12.17 -16.18 12.55
CA LYS A 77 -13.05 -16.63 11.48
C LYS A 77 -14.43 -15.97 11.55
N GLU A 78 -14.79 -15.41 12.70
CA GLU A 78 -16.09 -14.76 12.88
C GLU A 78 -16.06 -13.25 12.69
N ILE A 79 -14.89 -12.67 12.42
CA ILE A 79 -14.73 -11.21 12.37
C ILE A 79 -14.38 -10.82 10.96
N LYS A 80 -15.24 -10.02 10.34
CA LYS A 80 -15.02 -9.55 8.97
C LYS A 80 -15.55 -8.13 8.86
N HIS A 81 -14.62 -7.16 8.82
CA HIS A 81 -14.97 -5.74 8.78
C HIS A 81 -13.81 -4.98 8.17
N PRO A 82 -14.03 -3.94 7.38
CA PRO A 82 -12.90 -3.26 6.72
C PRO A 82 -11.87 -2.73 7.71
N ASN A 83 -12.28 -2.39 8.93
CA ASN A 83 -11.37 -1.77 9.89
C ASN A 83 -10.94 -2.74 11.00
N LEU A 84 -11.12 -4.04 10.79
CA LEU A 84 -10.51 -5.05 11.63
C LEU A 84 -9.54 -5.87 10.81
N VAL A 85 -8.45 -6.32 11.46
CA VAL A 85 -7.49 -7.19 10.79
C VAL A 85 -8.21 -8.42 10.26
N GLN A 86 -7.92 -8.80 9.03
CA GLN A 86 -8.67 -9.84 8.33
C GLN A 86 -7.86 -11.13 8.27
N LEU A 87 -8.41 -12.20 8.85
CA LEU A 87 -7.85 -13.53 8.66
C LEU A 87 -7.88 -13.92 7.18
N LEU A 88 -6.77 -14.45 6.68
CA LEU A 88 -6.70 -14.94 5.31
C LEU A 88 -6.66 -16.46 5.22
N GLY A 89 -6.07 -17.13 6.20
CA GLY A 89 -6.06 -18.58 6.21
C GLY A 89 -5.32 -19.11 7.43
N VAL A 90 -5.38 -20.43 7.58
CA VAL A 90 -4.64 -21.13 8.62
C VAL A 90 -3.97 -22.35 8.00
N CYS A 91 -2.88 -22.79 8.62
CA CYS A 91 -2.26 -24.08 8.32
C CYS A 91 -2.27 -24.87 9.61
N THR A 92 -3.05 -25.97 9.65
CA THR A 92 -3.20 -26.73 10.87
C THR A 92 -2.99 -28.23 10.68
N ARG A 93 -2.41 -28.65 9.56
CA ARG A 93 -2.31 -30.07 9.26
C ARG A 93 -1.09 -30.71 9.93
N GLU A 94 0.01 -29.97 10.01
CA GLU A 94 1.22 -30.41 10.71
C GLU A 94 1.84 -29.19 11.37
N PRO A 95 2.63 -29.39 12.42
CA PRO A 95 3.35 -28.26 13.00
C PRO A 95 4.44 -27.78 12.06
N PRO A 96 4.79 -26.49 12.10
CA PRO A 96 4.19 -25.48 12.98
C PRO A 96 2.86 -24.92 12.43
N PHE A 97 1.91 -24.67 13.31
CA PHE A 97 0.63 -24.12 12.91
C PHE A 97 0.76 -22.64 12.56
N TYR A 98 -0.02 -22.19 11.58
CA TYR A 98 0.03 -20.81 11.10
C TYR A 98 -1.35 -20.18 11.20
N ILE A 99 -1.38 -18.91 11.60
CA ILE A 99 -2.52 -18.03 11.37
C ILE A 99 -2.02 -16.90 10.47
N ILE A 100 -2.65 -16.73 9.30
CA ILE A 100 -2.20 -15.79 8.27
C ILE A 100 -3.19 -14.65 8.17
N THR A 101 -2.71 -13.40 8.23
CA THR A 101 -3.57 -12.24 8.03
C THR A 101 -2.96 -11.31 6.99
N GLU A 102 -3.73 -10.31 6.61
CA GLU A 102 -3.17 -9.24 5.82
C GLU A 102 -2.01 -8.58 6.57
N PHE A 103 -1.15 -7.93 5.79
CA PHE A 103 -0.03 -7.13 6.28
C PHE A 103 -0.39 -5.68 6.01
N MET A 104 -0.06 -4.79 6.94
CA MET A 104 -0.43 -3.38 6.82
C MET A 104 0.83 -2.54 6.63
N THR A 105 0.94 -1.91 5.45
CA THR A 105 2.16 -1.25 4.99
C THR A 105 2.88 -0.40 6.02
N TYR A 106 2.13 0.42 6.78
CA TYR A 106 2.77 1.40 7.65
C TYR A 106 2.90 0.95 9.09
N GLY A 107 2.55 -0.30 9.41
CA GLY A 107 2.80 -0.80 10.75
C GLY A 107 1.85 -0.22 11.80
N ASN A 108 2.25 -0.35 13.06
CA ASN A 108 1.34 -0.03 14.15
C ASN A 108 1.13 1.48 14.29
N LEU A 109 -0.06 1.83 14.78
CA LEU A 109 -0.49 3.22 14.74
C LEU A 109 0.29 4.09 15.73
N LEU A 110 0.74 3.52 16.85
CA LEU A 110 1.46 4.34 17.82
C LEU A 110 2.78 4.86 17.25
N ASP A 111 3.59 3.95 16.69
CA ASP A 111 4.82 4.40 16.04
C ASP A 111 4.55 5.24 14.80
N TYR A 112 3.47 4.93 14.07
CA TYR A 112 3.11 5.76 12.93
C TYR A 112 2.88 7.20 13.36
N LEU A 113 2.05 7.40 14.40
CA LEU A 113 1.78 8.74 14.88
C LEU A 113 3.05 9.45 15.34
N ARG A 114 3.93 8.74 16.04
CA ARG A 114 5.13 9.36 16.57
C ARG A 114 6.10 9.78 15.46
N GLU A 115 6.04 9.12 14.30
CA GLU A 115 7.02 9.34 13.24
C GLU A 115 6.46 10.08 12.03
N CYS A 116 5.15 10.37 12.01
CA CYS A 116 4.55 10.84 10.79
C CYS A 116 4.88 12.30 10.52
N ASN A 117 4.69 12.69 9.26
CA ASN A 117 4.74 14.09 8.84
C ASN A 117 3.41 14.72 9.26
N ARG A 118 3.48 15.62 10.24
CA ARG A 118 2.26 16.13 10.86
C ARG A 118 1.48 17.07 9.93
N GLN A 119 2.14 17.65 8.92
CA GLN A 119 1.41 18.45 7.94
C GLN A 119 0.59 17.58 7.00
N GLU A 120 1.05 16.35 6.71
CA GLU A 120 0.24 15.39 5.96
C GLU A 120 -0.87 14.81 6.84
N VAL A 121 -0.54 14.46 8.07
CA VAL A 121 -1.48 13.76 8.96
C VAL A 121 -2.14 14.84 9.80
N ASN A 122 -3.04 15.57 9.16
CA ASN A 122 -3.65 16.76 9.72
C ASN A 122 -4.98 16.40 10.39
N ALA A 123 -5.73 17.43 10.80
CA ALA A 123 -6.93 17.20 11.60
C ALA A 123 -7.93 16.28 10.90
N VAL A 124 -8.16 16.46 9.60
CA VAL A 124 -9.16 15.62 8.94
C VAL A 124 -8.67 14.17 8.85
N VAL A 125 -7.35 13.97 8.74
CA VAL A 125 -6.84 12.60 8.73
C VAL A 125 -6.99 11.96 10.12
N LEU A 126 -6.67 12.71 11.18
CA LEU A 126 -6.83 12.15 12.53
C LEU A 126 -8.30 11.81 12.79
N LEU A 127 -9.20 12.71 12.39
CA LEU A 127 -10.64 12.43 12.46
C LEU A 127 -11.00 11.16 11.70
N TYR A 128 -10.44 10.99 10.51
CA TYR A 128 -10.72 9.82 9.70
C TYR A 128 -10.25 8.54 10.41
N MET A 129 -9.09 8.60 11.04
CA MET A 129 -8.58 7.43 11.74
C MET A 129 -9.44 7.08 12.96
N ALA A 130 -9.86 8.09 13.73
CA ALA A 130 -10.74 7.82 14.86
C ALA A 130 -12.09 7.27 14.40
N THR A 131 -12.60 7.78 13.28
CA THR A 131 -13.86 7.27 12.75
C THR A 131 -13.76 5.80 12.39
N GLN A 132 -12.65 5.40 11.75
CA GLN A 132 -12.48 4.00 11.38
C GLN A 132 -12.38 3.10 12.60
N ILE A 133 -11.64 3.53 13.63
CA ILE A 133 -11.49 2.69 14.81
C ILE A 133 -12.85 2.51 15.48
N SER A 134 -13.65 3.59 15.55
CA SER A 134 -14.98 3.48 16.15
C SER A 134 -15.90 2.60 15.31
N SER A 135 -15.70 2.55 14.00
CA SER A 135 -16.48 1.63 13.18
C SER A 135 -16.14 0.19 13.52
N ALA A 136 -14.84 -0.14 13.63
CA ALA A 136 -14.45 -1.49 14.02
C ALA A 136 -15.04 -1.86 15.36
N MET A 137 -14.99 -0.93 16.32
CA MET A 137 -15.51 -1.23 17.64
C MET A 137 -17.03 -1.33 17.64
N GLU A 138 -17.72 -0.55 16.80
CA GLU A 138 -19.17 -0.71 16.69
C GLU A 138 -19.52 -2.10 16.19
N TYR A 139 -18.73 -2.60 15.24
CA TYR A 139 -18.92 -3.97 14.75
C TYR A 139 -18.70 -5.00 15.86
N LEU A 140 -17.59 -4.89 16.61
CA LEU A 140 -17.37 -5.85 17.70
C LEU A 140 -18.49 -5.77 18.72
N GLU A 141 -18.95 -4.56 19.02
CA GLU A 141 -20.08 -4.34 19.91
C GLU A 141 -21.33 -5.07 19.41
N LYS A 142 -21.66 -4.88 18.13
CA LYS A 142 -22.84 -5.52 17.54
C LYS A 142 -22.73 -7.04 17.61
N LYS A 143 -21.52 -7.58 17.46
CA LYS A 143 -21.29 -9.01 17.49
C LYS A 143 -21.04 -9.54 18.89
N ASN A 144 -21.16 -8.69 19.93
CA ASN A 144 -21.02 -9.09 21.32
C ASN A 144 -19.63 -9.62 21.63
N PHE A 145 -18.62 -9.07 20.98
CA PHE A 145 -17.22 -9.29 21.34
C PHE A 145 -16.76 -8.17 22.27
N ILE A 146 -15.69 -8.44 23.01
CA ILE A 146 -14.99 -7.46 23.82
C ILE A 146 -13.52 -7.48 23.41
N HIS A 147 -12.94 -6.30 23.18
CA HIS A 147 -11.54 -6.28 22.74
C HIS A 147 -10.60 -6.62 23.89
N ARG A 148 -10.64 -5.81 24.96
CA ARG A 148 -9.93 -5.94 26.23
C ARG A 148 -8.55 -5.27 26.23
N ASP A 149 -8.03 -4.84 25.08
CA ASP A 149 -6.74 -4.17 25.08
C ASP A 149 -6.65 -3.17 23.93
N LEU A 150 -7.68 -2.33 23.80
CA LEU A 150 -7.69 -1.32 22.75
C LEU A 150 -6.71 -0.20 23.07
N ALA A 151 -5.87 0.14 22.08
CA ALA A 151 -4.83 1.15 22.23
C ALA A 151 -4.18 1.32 20.86
N ALA A 152 -3.47 2.43 20.68
CA ALA A 152 -2.83 2.69 19.39
C ALA A 152 -1.81 1.61 19.05
N ARG A 153 -1.15 1.03 20.05
CA ARG A 153 -0.16 -0.02 19.78
C ARG A 153 -0.80 -1.29 19.19
N ASN A 154 -2.12 -1.45 19.33
CA ASN A 154 -2.85 -2.59 18.77
C ASN A 154 -3.61 -2.22 17.49
N CYS A 155 -3.28 -1.10 16.87
CA CYS A 155 -3.90 -0.70 15.61
C CYS A 155 -2.83 -0.66 14.53
N LEU A 156 -3.27 -0.82 13.28
CA LEU A 156 -2.36 -0.83 12.13
C LEU A 156 -2.78 0.24 11.11
N VAL A 157 -1.80 0.72 10.35
CA VAL A 157 -2.03 1.78 9.36
C VAL A 157 -1.63 1.27 7.99
N GLY A 158 -2.48 1.52 6.99
CA GLY A 158 -2.21 1.15 5.62
C GLY A 158 -2.19 2.37 4.72
N GLU A 159 -1.97 2.12 3.43
CA GLU A 159 -1.95 3.20 2.46
C GLU A 159 -3.30 3.92 2.44
N ASN A 160 -3.27 5.20 2.07
CA ASN A 160 -4.49 5.99 1.96
C ASN A 160 -5.20 6.11 3.32
N HIS A 161 -4.41 6.13 4.40
CA HIS A 161 -4.88 6.36 5.77
C HIS A 161 -5.84 5.27 6.27
N LEU A 162 -5.75 4.06 5.71
CA LEU A 162 -6.53 2.95 6.25
C LEU A 162 -6.06 2.64 7.67
N VAL A 163 -7.01 2.41 8.58
CA VAL A 163 -6.68 1.96 9.93
C VAL A 163 -7.45 0.69 10.24
N LYS A 164 -6.77 -0.30 10.82
CA LYS A 164 -7.42 -1.51 11.27
C LYS A 164 -7.08 -1.77 12.73
N VAL A 165 -8.09 -2.21 13.47
CA VAL A 165 -7.92 -2.61 14.85
C VAL A 165 -7.44 -4.07 14.87
N ALA A 166 -6.46 -4.37 15.71
CA ALA A 166 -5.94 -5.71 15.87
C ALA A 166 -5.82 -6.04 17.36
N ASP A 167 -5.27 -7.22 17.65
CA ASP A 167 -4.94 -7.59 19.04
C ASP A 167 -3.71 -8.47 18.97
N PHE A 168 -2.55 -7.90 19.28
CA PHE A 168 -1.28 -8.58 19.09
C PHE A 168 -0.86 -9.40 20.30
N GLY A 169 -1.63 -9.37 21.39
CA GLY A 169 -1.26 -10.10 22.60
C GLY A 169 0.01 -9.55 23.18
N LEU A 170 0.06 -8.23 23.34
CA LEU A 170 1.30 -7.53 23.66
C LEU A 170 1.70 -7.64 25.14
N SER A 171 0.76 -7.99 26.03
CA SER A 171 1.09 -7.97 27.45
C SER A 171 2.18 -8.96 27.78
N ARG A 172 2.30 -10.04 27.00
CA ARG A 172 3.37 -11.01 27.16
C ARG A 172 4.63 -10.66 26.39
N LEU A 173 4.54 -9.75 25.41
CA LEU A 173 5.66 -9.41 24.54
C LEU A 173 6.38 -8.15 24.98
N MET A 174 5.65 -7.07 25.25
CA MET A 174 6.27 -5.77 25.38
C MET A 174 7.07 -5.65 26.67
N THR A 175 8.24 -5.04 26.56
CA THR A 175 9.03 -4.63 27.72
C THR A 175 8.70 -3.17 28.05
N GLY A 176 9.03 -2.77 29.26
CA GLY A 176 8.77 -1.42 29.73
C GLY A 176 7.58 -1.36 30.66
N ASP A 177 7.16 -0.13 30.94
CA ASP A 177 6.11 0.12 31.91
C ASP A 177 4.72 0.21 31.28
N THR A 178 4.57 -0.11 29.99
CA THR A 178 3.23 -0.08 29.39
C THR A 178 2.31 -1.05 30.10
N TYR A 179 2.76 -2.29 30.29
CA TYR A 179 2.04 -3.30 31.05
C TYR A 179 2.77 -3.54 32.37
N THR A 180 2.02 -3.61 33.46
CA THR A 180 2.61 -3.81 34.77
C THR A 180 1.73 -4.77 35.55
N ALA A 181 2.33 -5.38 36.58
CA ALA A 181 1.64 -6.41 37.35
C ALA A 181 0.46 -5.82 38.09
N HIS A 182 -0.68 -6.49 37.99
CA HIS A 182 -1.90 -6.05 38.66
C HIS A 182 -2.88 -7.21 38.66
N ALA A 183 -3.50 -7.47 39.81
CA ALA A 183 -4.51 -8.52 39.96
C ALA A 183 -3.98 -9.87 39.47
N GLY A 184 -2.67 -10.08 39.60
CA GLY A 184 -2.09 -11.32 39.16
C GLY A 184 -1.94 -11.48 37.66
N ALA A 185 -2.09 -10.41 36.89
CA ALA A 185 -1.87 -10.45 35.45
C ALA A 185 -1.00 -9.25 35.06
N LYS A 186 -1.00 -8.92 33.77
CA LYS A 186 -0.31 -7.73 33.31
C LYS A 186 -1.33 -6.80 32.66
N PHE A 187 -1.46 -5.59 33.20
CA PHE A 187 -2.45 -4.61 32.78
C PHE A 187 -1.78 -3.38 32.18
N PRO A 188 -2.33 -2.81 31.09
CA PRO A 188 -1.91 -1.47 30.67
C PRO A 188 -2.66 -0.45 31.51
N ILE A 189 -2.11 -0.10 32.68
CA ILE A 189 -2.90 0.60 33.69
C ILE A 189 -3.55 1.85 33.13
N LYS A 190 -2.81 2.64 32.36
CA LYS A 190 -3.31 3.95 31.94
C LYS A 190 -4.37 3.88 30.83
N TRP A 191 -4.64 2.69 30.30
CA TRP A 191 -5.74 2.46 29.37
C TRP A 191 -6.92 1.74 30.03
N THR A 192 -6.80 1.32 31.28
CA THR A 192 -7.73 0.37 31.87
C THR A 192 -8.86 1.07 32.62
N ALA A 193 -10.10 0.70 32.32
CA ALA A 193 -11.24 1.31 32.99
C ALA A 193 -11.22 1.01 34.50
N PRO A 194 -11.76 1.92 35.31
CA PRO A 194 -11.72 1.75 36.77
C PRO A 194 -12.31 0.44 37.25
N GLU A 195 -13.51 0.07 36.76
CA GLU A 195 -14.13 -1.18 37.18
C GLU A 195 -13.31 -2.39 36.77
N SER A 196 -12.51 -2.27 35.70
CA SER A 196 -11.59 -3.36 35.36
C SER A 196 -10.43 -3.41 36.33
N LEU A 197 -9.89 -2.25 36.70
CA LEU A 197 -8.78 -2.22 37.65
C LEU A 197 -9.22 -2.72 39.03
N ALA A 198 -10.43 -2.37 39.45
CA ALA A 198 -10.88 -2.63 40.82
C ALA A 198 -11.50 -4.01 41.00
N TYR A 199 -12.34 -4.45 40.06
CA TYR A 199 -13.10 -5.69 40.19
C TYR A 199 -12.83 -6.66 39.04
N ASN A 200 -11.82 -6.39 38.21
CA ASN A 200 -11.49 -7.24 37.06
C ASN A 200 -12.71 -7.46 36.17
N LYS A 201 -13.59 -6.47 36.08
CA LYS A 201 -14.78 -6.54 35.23
C LYS A 201 -14.47 -5.89 33.89
N PHE A 202 -14.60 -6.66 32.82
CA PHE A 202 -14.35 -6.19 31.46
C PHE A 202 -15.64 -6.29 30.65
N SER A 203 -15.84 -5.35 29.75
CA SER A 203 -17.05 -5.31 28.93
C SER A 203 -16.81 -4.38 27.76
N ILE A 204 -17.79 -4.31 26.86
CA ILE A 204 -17.66 -3.36 25.77
C ILE A 204 -17.52 -1.95 26.31
N LYS A 205 -18.09 -1.68 27.50
CA LYS A 205 -17.95 -0.35 28.09
C LYS A 205 -16.55 -0.07 28.61
N SER A 206 -15.80 -1.09 29.03
CA SER A 206 -14.40 -0.81 29.34
C SER A 206 -13.58 -0.60 28.07
N ASP A 207 -13.99 -1.20 26.94
CA ASP A 207 -13.40 -0.82 25.65
C ASP A 207 -13.71 0.63 25.30
N VAL A 208 -14.91 1.12 25.62
CA VAL A 208 -15.22 2.53 25.35
C VAL A 208 -14.27 3.44 26.13
N TRP A 209 -13.97 3.08 27.38
CA TRP A 209 -13.01 3.84 28.17
C TRP A 209 -11.65 3.85 27.49
N ALA A 210 -11.18 2.68 27.08
CA ALA A 210 -9.88 2.62 26.41
C ALA A 210 -9.89 3.40 25.10
N PHE A 211 -11.02 3.42 24.39
CA PHE A 211 -11.12 4.21 23.16
C PHE A 211 -10.88 5.68 23.44
N GLY A 212 -11.40 6.19 24.57
CA GLY A 212 -11.14 7.58 24.92
C GLY A 212 -9.67 7.86 25.12
N VAL A 213 -8.94 6.93 25.74
CA VAL A 213 -7.49 7.08 25.87
C VAL A 213 -6.84 7.01 24.50
N LEU A 214 -7.29 6.08 23.65
CA LEU A 214 -6.80 6.02 22.27
C LEU A 214 -7.02 7.36 21.54
N LEU A 215 -8.19 7.98 21.71
CA LEU A 215 -8.41 9.31 21.11
C LEU A 215 -7.36 10.30 21.59
N TRP A 216 -6.98 10.23 22.86
CA TRP A 216 -5.95 11.12 23.37
C TRP A 216 -4.58 10.80 22.75
N GLU A 217 -4.25 9.52 22.59
CA GLU A 217 -3.03 9.17 21.85
C GLU A 217 -3.02 9.79 20.45
N ILE A 218 -4.15 9.74 19.75
CA ILE A 218 -4.23 10.31 18.41
C ILE A 218 -4.02 11.82 18.45
N ALA A 219 -4.68 12.51 19.38
CA ALA A 219 -4.60 13.97 19.45
C ALA A 219 -3.20 14.46 19.81
N THR A 220 -2.38 13.63 20.44
CA THR A 220 -1.04 14.02 20.84
C THR A 220 0.03 13.40 19.95
N TYR A 221 -0.38 12.76 18.86
CA TYR A 221 0.55 12.05 17.97
C TYR A 221 1.39 11.04 18.76
N GLY A 222 0.74 10.33 19.66
CA GLY A 222 1.34 9.18 20.29
C GLY A 222 2.05 9.45 21.59
N MET A 223 1.72 10.51 22.31
CA MET A 223 2.30 10.68 23.64
C MET A 223 1.77 9.59 24.57
N SER A 224 2.57 9.26 25.60
CA SER A 224 2.09 8.34 26.64
C SER A 224 1.06 9.07 27.52
N PRO A 225 -0.05 8.41 27.85
CA PRO A 225 -1.13 9.09 28.60
C PRO A 225 -0.71 9.41 30.03
N TYR A 226 -1.49 10.29 30.66
CA TYR A 226 -1.21 10.83 31.99
C TYR A 226 0.30 11.11 32.14
N PRO A 227 0.89 11.90 31.22
CA PRO A 227 2.35 12.02 31.21
C PRO A 227 2.85 12.67 32.50
N GLY A 228 3.91 12.08 33.07
CA GLY A 228 4.46 12.57 34.31
C GLY A 228 3.77 12.09 35.58
N ILE A 229 2.66 11.37 35.47
CA ILE A 229 1.92 10.89 36.64
C ILE A 229 2.31 9.44 36.89
N ASP A 230 2.75 9.14 38.12
CA ASP A 230 3.16 7.77 38.46
C ASP A 230 1.95 6.83 38.44
N LEU A 231 2.19 5.60 37.99
CA LEU A 231 1.17 4.55 37.97
C LEU A 231 0.45 4.42 39.31
N SER A 232 1.20 4.56 40.41
CA SER A 232 0.63 4.40 41.75
C SER A 232 -0.50 5.38 42.04
N GLN A 233 -0.58 6.49 41.31
CA GLN A 233 -1.57 7.53 41.57
C GLN A 233 -2.82 7.42 40.70
N VAL A 234 -2.80 6.59 39.66
CA VAL A 234 -3.80 6.73 38.60
C VAL A 234 -5.20 6.37 39.10
N TYR A 235 -5.35 5.21 39.75
CA TYR A 235 -6.67 4.82 40.23
C TYR A 235 -7.23 5.87 41.20
N GLU A 236 -6.42 6.29 42.17
CA GLU A 236 -6.91 7.26 43.14
C GLU A 236 -7.38 8.54 42.45
N LEU A 237 -6.59 9.02 41.48
CA LEU A 237 -6.96 10.25 40.78
C LEU A 237 -8.26 10.07 40.02
N LEU A 238 -8.41 8.96 39.29
CA LEU A 238 -9.63 8.70 38.56
C LEU A 238 -10.83 8.59 39.49
N GLU A 239 -10.66 7.92 40.63
CA GLU A 239 -11.78 7.79 41.56
C GLU A 239 -12.19 9.14 42.13
N LYS A 240 -11.25 10.07 42.19
CA LYS A 240 -11.52 11.44 42.64
C LYS A 240 -11.81 12.39 41.48
N ASP A 241 -12.23 11.84 40.34
CA ASP A 241 -12.76 12.53 39.16
C ASP A 241 -11.71 13.26 38.34
N TYR A 242 -10.42 13.05 38.59
CA TYR A 242 -9.40 13.58 37.68
C TYR A 242 -9.55 12.96 36.29
N ARG A 243 -9.48 13.80 35.26
CA ARG A 243 -9.40 13.32 33.88
C ARG A 243 -8.40 14.16 33.11
N MET A 244 -7.71 13.54 32.15
CA MET A 244 -6.79 14.31 31.31
C MET A 244 -7.49 15.52 30.71
N GLU A 245 -6.80 16.66 30.73
CA GLU A 245 -7.34 17.86 30.13
C GLU A 245 -7.26 17.77 28.61
N ARG A 246 -8.03 18.63 27.94
CA ARG A 246 -8.02 18.66 26.49
C ARG A 246 -6.61 18.93 25.99
N PRO A 247 -6.04 18.06 25.17
CA PRO A 247 -4.68 18.31 24.68
C PRO A 247 -4.66 19.41 23.63
N GLU A 248 -3.47 19.99 23.47
CA GLU A 248 -3.30 21.12 22.56
C GLU A 248 -3.79 20.79 21.16
N GLY A 249 -4.61 21.68 20.61
CA GLY A 249 -5.14 21.54 19.26
C GLY A 249 -6.27 20.55 19.10
N CYS A 250 -6.71 19.88 20.16
CA CYS A 250 -7.79 18.91 20.01
C CYS A 250 -9.11 19.65 19.86
N PRO A 251 -9.92 19.33 18.86
CA PRO A 251 -11.22 20.00 18.71
C PRO A 251 -12.10 19.76 19.93
N GLU A 252 -12.85 20.79 20.32
CA GLU A 252 -13.65 20.69 21.54
C GLU A 252 -14.66 19.57 21.45
N LYS A 253 -15.28 19.37 20.28
CA LYS A 253 -16.23 18.28 20.10
C LYS A 253 -15.58 16.92 20.27
N VAL A 254 -14.32 16.77 19.86
CA VAL A 254 -13.63 15.50 20.06
C VAL A 254 -13.36 15.28 21.54
N TYR A 255 -12.94 16.35 22.25
CA TYR A 255 -12.68 16.20 23.68
C TYR A 255 -13.97 15.90 24.44
N GLU A 256 -15.09 16.46 24.01
CA GLU A 256 -16.39 16.11 24.60
C GLU A 256 -16.64 14.61 24.54
N LEU A 257 -16.35 14.00 23.39
CA LEU A 257 -16.49 12.56 23.24
C LEU A 257 -15.53 11.82 24.17
N MET A 258 -14.28 12.27 24.25
CA MET A 258 -13.33 11.66 25.19
C MET A 258 -13.90 11.60 26.59
N ARG A 259 -14.44 12.73 27.06
CA ARG A 259 -14.92 12.80 28.43
C ARG A 259 -16.11 11.87 28.65
N ALA A 260 -16.96 11.74 27.63
CA ALA A 260 -18.08 10.81 27.72
C ALA A 260 -17.59 9.37 27.83
N CYS A 261 -16.50 9.03 27.11
CA CYS A 261 -15.93 7.69 27.25
C CYS A 261 -15.39 7.44 28.64
N TRP A 262 -15.04 8.50 29.38
CA TRP A 262 -14.42 8.38 30.69
C TRP A 262 -15.40 8.62 31.85
N GLN A 263 -16.70 8.46 31.60
CA GLN A 263 -17.66 8.44 32.71
C GLN A 263 -17.30 7.31 33.68
N TRP A 264 -17.39 7.61 34.97
CA TRP A 264 -17.01 6.62 35.97
C TRP A 264 -17.88 5.36 35.87
N ASN A 265 -19.18 5.55 35.72
CA ASN A 265 -20.13 4.42 35.61
C ASN A 265 -20.13 3.89 34.18
N PRO A 266 -19.82 2.62 33.96
CA PRO A 266 -19.81 2.10 32.58
C PRO A 266 -21.10 2.33 31.83
N SER A 267 -22.25 2.23 32.51
CA SER A 267 -23.52 2.43 31.82
C SER A 267 -23.74 3.88 31.38
N ASP A 268 -22.99 4.84 31.92
CA ASP A 268 -23.10 6.22 31.46
C ASP A 268 -22.24 6.52 30.23
N ARG A 269 -21.39 5.58 29.83
CA ARG A 269 -20.55 5.80 28.64
C ARG A 269 -21.34 5.55 27.36
N PRO A 270 -21.05 6.29 26.29
CA PRO A 270 -21.78 6.06 25.03
C PRO A 270 -21.47 4.68 24.47
N SER A 271 -22.36 4.23 23.59
CA SER A 271 -22.07 3.03 22.82
C SER A 271 -21.15 3.39 21.65
N PHE A 272 -20.47 2.37 21.12
CA PHE A 272 -19.67 2.59 19.92
C PHE A 272 -20.55 2.96 18.73
N ALA A 273 -21.80 2.46 18.68
CA ALA A 273 -22.74 2.94 17.66
C ALA A 273 -22.92 4.45 17.76
N GLU A 274 -23.07 4.98 18.99
CA GLU A 274 -23.23 6.42 19.15
C GLU A 274 -21.94 7.16 18.80
N ILE A 275 -20.79 6.61 19.21
CA ILE A 275 -19.51 7.25 18.92
C ILE A 275 -19.29 7.35 17.41
N HIS A 276 -19.49 6.24 16.71
CA HIS A 276 -19.27 6.26 15.27
C HIS A 276 -20.21 7.24 14.58
N GLN A 277 -21.48 7.27 15.00
CA GLN A 277 -22.41 8.25 14.45
C GLN A 277 -21.89 9.67 14.65
N ALA A 278 -21.35 9.96 15.83
CA ALA A 278 -20.82 11.29 16.10
C ALA A 278 -19.67 11.64 15.18
N PHE A 279 -18.74 10.69 15.00
CA PHE A 279 -17.60 10.95 14.13
C PHE A 279 -18.01 11.06 12.67
N GLU A 280 -18.95 10.21 12.25
CA GLU A 280 -19.39 10.26 10.86
C GLU A 280 -20.00 11.62 10.53
N THR A 281 -20.84 12.13 11.44
CA THR A 281 -21.36 13.48 11.28
C THR A 281 -20.23 14.51 11.21
N MET A 282 -19.30 14.46 12.17
CA MET A 282 -18.16 15.38 12.14
C MET A 282 -17.38 15.25 10.83
N PHE A 283 -17.20 14.03 10.34
CA PHE A 283 -16.37 13.86 9.15
C PHE A 283 -17.02 14.46 7.91
N GLN A 284 -18.33 14.27 7.74
CA GLN A 284 -18.94 14.80 6.53
C GLN A 284 -19.15 16.31 6.59
N GLU A 285 -19.10 16.90 7.78
CA GLU A 285 -19.17 18.35 7.89
C GLU A 285 -17.82 19.03 7.69
N SER A 286 -16.72 18.28 7.71
CA SER A 286 -15.40 18.85 7.48
C SER A 286 -15.18 19.21 6.01
N ASP B 19 4.63 -18.23 -39.40
CA ASP B 19 3.97 -18.88 -38.28
C ASP B 19 2.53 -18.38 -38.09
N LYS B 20 1.92 -18.77 -36.97
CA LYS B 20 0.55 -18.36 -36.66
C LYS B 20 0.40 -16.84 -36.65
N TRP B 21 1.49 -16.08 -36.51
CA TRP B 21 1.40 -14.63 -36.39
C TRP B 21 1.33 -13.92 -37.73
N GLU B 22 1.70 -14.60 -38.82
CA GLU B 22 1.76 -13.95 -40.11
C GLU B 22 0.36 -13.65 -40.61
N MET B 23 0.20 -12.47 -41.21
CA MET B 23 -1.05 -12.07 -41.83
C MET B 23 -0.74 -11.29 -43.10
N GLU B 24 -1.78 -11.06 -43.90
CA GLU B 24 -1.64 -10.32 -45.14
C GLU B 24 -1.76 -8.82 -44.87
N ARG B 25 -0.86 -8.04 -45.46
CA ARG B 25 -0.95 -6.59 -45.30
C ARG B 25 -2.26 -6.04 -45.86
N THR B 26 -2.92 -6.79 -46.74
CA THR B 26 -4.22 -6.35 -47.27
C THR B 26 -5.33 -6.52 -46.25
N ASP B 27 -5.10 -7.29 -45.18
CA ASP B 27 -6.07 -7.39 -44.10
C ASP B 27 -6.22 -6.11 -43.30
N ILE B 28 -5.36 -5.12 -43.55
CA ILE B 28 -5.28 -3.93 -42.71
C ILE B 28 -5.42 -2.68 -43.58
N THR B 29 -6.32 -1.79 -43.18
CA THR B 29 -6.46 -0.47 -43.79
C THR B 29 -5.53 0.50 -43.06
N MET B 30 -4.43 0.87 -43.70
CA MET B 30 -3.50 1.80 -43.09
C MET B 30 -4.06 3.22 -43.14
N LYS B 31 -4.10 3.87 -41.97
CA LYS B 31 -4.59 5.25 -41.89
C LYS B 31 -3.42 6.18 -41.67
N HIS B 32 -3.62 7.22 -40.86
CA HIS B 32 -2.62 8.25 -40.72
C HIS B 32 -1.66 7.94 -39.56
N LYS B 33 -0.55 8.69 -39.52
CA LYS B 33 0.47 8.47 -38.52
C LYS B 33 -0.06 8.70 -37.12
N LEU B 34 0.32 7.80 -36.20
CA LEU B 34 -0.10 7.90 -34.82
C LEU B 34 0.62 9.05 -34.13
N GLY B 35 -0.13 9.80 -33.30
CA GLY B 35 0.43 10.84 -32.47
C GLY B 35 1.30 11.85 -33.17
N GLY B 36 0.92 12.27 -34.37
CA GLY B 36 1.69 13.25 -35.10
C GLY B 36 3.13 12.85 -35.36
N GLY B 37 3.36 11.56 -35.61
CA GLY B 37 4.70 11.09 -35.91
C GLY B 37 5.64 10.99 -34.73
N GLN B 38 5.18 11.29 -33.51
CA GLN B 38 6.08 11.23 -32.35
C GLN B 38 6.60 9.82 -32.09
N TYR B 39 5.93 8.80 -32.59
CA TYR B 39 6.40 7.42 -32.50
C TYR B 39 7.12 6.97 -33.76
N GLY B 40 7.31 7.86 -34.74
CA GLY B 40 7.93 7.48 -35.98
C GLY B 40 6.98 6.76 -36.92
N GLU B 41 7.48 5.77 -37.65
CA GLU B 41 6.66 5.03 -38.60
C GLU B 41 5.70 4.07 -37.89
N VAL B 42 4.82 4.62 -37.06
CA VAL B 42 3.71 3.88 -36.47
C VAL B 42 2.42 4.55 -36.90
N TYR B 43 1.51 3.77 -37.49
CA TYR B 43 0.30 4.30 -38.08
C TYR B 43 -0.93 3.71 -37.40
N GLU B 44 -1.98 4.51 -37.29
CA GLU B 44 -3.29 3.95 -36.99
C GLU B 44 -3.73 3.04 -38.13
N GLY B 45 -4.20 1.85 -37.79
CA GLY B 45 -4.68 0.91 -38.77
C GLY B 45 -6.05 0.41 -38.40
N VAL B 46 -6.70 -0.23 -39.37
CA VAL B 46 -7.97 -0.90 -39.15
C VAL B 46 -7.84 -2.31 -39.67
N TRP B 47 -7.97 -3.28 -38.78
CA TRP B 47 -8.04 -4.69 -39.15
C TRP B 47 -9.45 -4.94 -39.66
N LYS B 48 -9.61 -4.95 -40.99
CA LYS B 48 -10.93 -4.85 -41.62
C LYS B 48 -11.89 -5.92 -41.11
N LYS B 49 -11.41 -7.17 -41.10
CA LYS B 49 -12.24 -8.32 -40.72
C LYS B 49 -12.97 -8.09 -39.40
N TYR B 50 -12.34 -7.39 -38.47
CA TYR B 50 -12.89 -7.16 -37.15
C TYR B 50 -13.28 -5.72 -36.91
N SER B 51 -13.16 -4.84 -37.92
CA SER B 51 -13.41 -3.42 -37.76
C SER B 51 -12.69 -2.87 -36.54
N LEU B 52 -11.46 -3.33 -36.33
CA LEU B 52 -10.71 -3.08 -35.11
C LEU B 52 -9.57 -2.11 -35.39
N THR B 53 -9.54 -1.01 -34.64
CA THR B 53 -8.43 -0.08 -34.74
C THR B 53 -7.19 -0.69 -34.10
N VAL B 54 -6.06 -0.65 -34.81
CA VAL B 54 -4.81 -1.20 -34.32
C VAL B 54 -3.70 -0.19 -34.51
N ALA B 55 -2.54 -0.49 -33.94
CA ALA B 55 -1.33 0.26 -34.18
C ALA B 55 -0.40 -0.59 -35.04
N VAL B 56 0.20 0.04 -36.05
CA VAL B 56 0.98 -0.67 -37.06
C VAL B 56 2.34 0.00 -37.19
N LYS B 57 3.40 -0.71 -36.83
CA LYS B 57 4.76 -0.23 -37.03
C LYS B 57 5.29 -0.80 -38.34
N THR B 58 5.83 0.08 -39.17
CA THR B 58 6.25 -0.27 -40.53
C THR B 58 7.73 0.00 -40.72
N LEU B 59 8.30 -0.64 -41.73
CA LEU B 59 9.69 -0.44 -42.08
C LEU B 59 9.84 -0.23 -43.59
N VAL B 66 16.36 -2.99 -39.38
CA VAL B 66 16.17 -3.86 -40.54
C VAL B 66 16.17 -5.34 -40.06
N GLU B 67 17.27 -5.79 -39.48
CA GLU B 67 17.29 -7.05 -38.74
C GLU B 67 16.79 -6.86 -37.32
N GLU B 68 16.91 -5.62 -36.80
CA GLU B 68 16.37 -5.29 -35.49
C GLU B 68 14.85 -5.37 -35.50
N PHE B 69 14.23 -4.91 -36.60
CA PHE B 69 12.79 -5.00 -36.76
C PHE B 69 12.32 -6.45 -36.58
N LEU B 70 12.98 -7.38 -37.26
CA LEU B 70 12.63 -8.79 -37.13
C LEU B 70 12.89 -9.30 -35.73
N LYS B 71 13.95 -8.82 -35.07
CA LYS B 71 14.21 -9.24 -33.71
C LYS B 71 13.10 -8.76 -32.77
N GLU B 72 12.67 -7.50 -32.92
CA GLU B 72 11.59 -6.99 -32.10
C GLU B 72 10.34 -7.85 -32.26
N ALA B 73 9.98 -8.16 -33.51
CA ALA B 73 8.82 -9.00 -33.77
C ALA B 73 8.95 -10.36 -33.10
N ALA B 74 10.15 -10.96 -33.13
CA ALA B 74 10.32 -12.27 -32.50
C ALA B 74 10.21 -12.17 -30.98
N VAL B 75 10.70 -11.08 -30.39
CA VAL B 75 10.61 -10.92 -28.94
C VAL B 75 9.16 -10.76 -28.51
N MET B 76 8.37 -9.97 -29.26
CA MET B 76 6.98 -9.72 -28.88
C MET B 76 6.13 -10.98 -28.98
N LYS B 77 6.52 -11.95 -29.83
CA LYS B 77 5.81 -13.22 -29.87
C LYS B 77 6.01 -14.04 -28.61
N GLU B 78 7.05 -13.75 -27.83
CA GLU B 78 7.35 -14.49 -26.60
C GLU B 78 6.78 -13.83 -25.35
N ILE B 79 6.15 -12.65 -25.49
CA ILE B 79 5.74 -11.82 -24.37
C ILE B 79 4.22 -11.78 -24.32
N LYS B 80 3.64 -12.15 -23.17
CA LYS B 80 2.20 -12.03 -22.98
C LYS B 80 1.90 -11.79 -21.52
N HIS B 81 1.22 -10.68 -21.22
CA HIS B 81 0.90 -10.30 -19.85
C HIS B 81 -0.17 -9.22 -19.88
N PRO B 82 -1.08 -9.19 -18.91
CA PRO B 82 -2.16 -8.18 -18.95
C PRO B 82 -1.66 -6.75 -19.02
N ASN B 83 -0.44 -6.47 -18.57
CA ASN B 83 0.06 -5.09 -18.58
C ASN B 83 1.25 -4.88 -19.50
N LEU B 84 1.41 -5.75 -20.51
CA LEU B 84 2.32 -5.47 -21.62
C LEU B 84 1.50 -5.33 -22.88
N VAL B 85 1.87 -4.36 -23.74
CA VAL B 85 1.12 -4.16 -24.98
C VAL B 85 1.14 -5.47 -25.79
N GLN B 86 0.00 -5.83 -26.35
CA GLN B 86 -0.21 -7.16 -26.92
C GLN B 86 0.02 -7.14 -28.43
N LEU B 87 0.97 -7.97 -28.86
CA LEU B 87 1.14 -8.25 -30.28
C LEU B 87 -0.10 -8.91 -30.86
N LEU B 88 -0.53 -8.46 -32.03
CA LEU B 88 -1.65 -9.06 -32.74
C LEU B 88 -1.24 -9.81 -33.99
N GLY B 89 -0.26 -9.30 -34.72
CA GLY B 89 0.24 -10.01 -35.88
C GLY B 89 1.43 -9.28 -36.45
N VAL B 90 2.04 -9.90 -37.46
CA VAL B 90 3.19 -9.33 -38.15
C VAL B 90 3.06 -9.61 -39.64
N CYS B 91 3.71 -8.77 -40.44
CA CYS B 91 3.89 -9.03 -41.87
C CYS B 91 5.39 -9.00 -42.13
N THR B 92 6.01 -10.16 -42.32
CA THR B 92 7.46 -10.23 -42.43
C THR B 92 7.94 -11.01 -43.65
N ARG B 93 7.07 -11.29 -44.62
CA ARG B 93 7.49 -12.04 -45.81
C ARG B 93 8.13 -11.13 -46.86
N GLU B 94 7.61 -9.92 -47.05
CA GLU B 94 8.15 -9.01 -48.07
C GLU B 94 7.89 -7.57 -47.65
N PRO B 95 8.80 -6.66 -47.97
CA PRO B 95 8.58 -5.26 -47.61
C PRO B 95 7.33 -4.72 -48.28
N PRO B 96 6.66 -3.72 -47.66
CA PRO B 96 6.94 -3.14 -46.34
C PRO B 96 6.49 -4.10 -45.25
N PHE B 97 7.27 -4.22 -44.17
CA PHE B 97 6.93 -5.14 -43.08
C PHE B 97 6.16 -4.43 -41.98
N TYR B 98 5.31 -5.20 -41.30
CA TYR B 98 4.40 -4.70 -40.29
C TYR B 98 4.64 -5.41 -38.96
N ILE B 99 4.59 -4.66 -37.87
CA ILE B 99 4.32 -5.23 -36.55
C ILE B 99 3.02 -4.59 -36.07
N ILE B 100 2.04 -5.44 -35.73
CA ILE B 100 0.69 -4.99 -35.42
C ILE B 100 0.41 -5.27 -33.95
N THR B 101 0.02 -4.23 -33.20
CA THR B 101 -0.39 -4.39 -31.82
C THR B 101 -1.77 -3.76 -31.63
N GLU B 102 -2.36 -4.04 -30.47
CA GLU B 102 -3.58 -3.37 -30.06
C GLU B 102 -3.37 -1.86 -30.02
N PHE B 103 -4.48 -1.13 -30.10
CA PHE B 103 -4.53 0.32 -29.94
C PHE B 103 -5.11 0.64 -28.57
N MET B 104 -4.43 1.51 -27.83
CA MET B 104 -4.82 1.87 -26.47
C MET B 104 -5.51 3.22 -26.49
N THR B 105 -6.78 3.23 -26.08
CA THR B 105 -7.68 4.37 -26.31
C THR B 105 -7.07 5.71 -25.87
N TYR B 106 -6.37 5.74 -24.73
CA TYR B 106 -6.03 7.02 -24.13
C TYR B 106 -4.57 7.43 -24.35
N GLY B 107 -3.84 6.73 -25.23
CA GLY B 107 -2.50 7.18 -25.61
C GLY B 107 -1.46 6.92 -24.53
N ASN B 108 -0.32 7.60 -24.66
CA ASN B 108 0.81 7.33 -23.77
C ASN B 108 0.61 7.97 -22.41
N LEU B 109 1.19 7.33 -21.40
CA LEU B 109 0.92 7.68 -20.00
C LEU B 109 1.45 9.07 -19.66
N LEU B 110 2.60 9.46 -20.21
CA LEU B 110 3.15 10.77 -19.89
C LEU B 110 2.18 11.89 -20.29
N ASP B 111 1.69 11.85 -21.54
CA ASP B 111 0.71 12.83 -21.98
C ASP B 111 -0.60 12.71 -21.20
N TYR B 112 -1.03 11.48 -20.91
CA TYR B 112 -2.24 11.27 -20.11
C TYR B 112 -2.12 11.97 -18.76
N LEU B 113 -1.02 11.75 -18.06
CA LEU B 113 -0.84 12.37 -16.75
C LEU B 113 -0.85 13.88 -16.84
N ARG B 114 -0.20 14.42 -17.88
CA ARG B 114 -0.06 15.87 -18.00
C ARG B 114 -1.40 16.54 -18.29
N GLU B 115 -2.33 15.82 -18.90
CA GLU B 115 -3.59 16.39 -19.33
C GLU B 115 -4.79 15.92 -18.53
N CYS B 116 -4.61 15.01 -17.57
CA CYS B 116 -5.76 14.39 -16.93
C CYS B 116 -6.46 15.34 -15.97
N ASN B 117 -7.68 14.96 -15.58
CA ASN B 117 -8.36 15.59 -14.46
C ASN B 117 -7.79 14.99 -13.18
N ARG B 118 -7.12 15.81 -12.37
CA ARG B 118 -6.44 15.30 -11.18
C ARG B 118 -7.41 14.90 -10.08
N GLN B 119 -8.65 15.40 -10.10
CA GLN B 119 -9.64 14.93 -9.13
C GLN B 119 -10.07 13.50 -9.46
N GLU B 120 -10.17 13.16 -10.74
CA GLU B 120 -10.45 11.79 -11.16
C GLU B 120 -9.23 10.89 -10.98
N VAL B 121 -8.06 11.36 -11.40
CA VAL B 121 -6.82 10.56 -11.33
C VAL B 121 -6.16 10.93 -10.01
N ASN B 122 -6.72 10.42 -8.91
CA ASN B 122 -6.30 10.77 -7.55
C ASN B 122 -5.33 9.70 -7.03
N ALA B 123 -5.11 9.66 -5.71
CA ALA B 123 -4.08 8.78 -5.16
C ALA B 123 -4.37 7.31 -5.43
N VAL B 124 -5.66 6.91 -5.40
CA VAL B 124 -5.98 5.52 -5.64
C VAL B 124 -5.68 5.13 -7.08
N VAL B 125 -5.94 6.04 -8.02
CA VAL B 125 -5.69 5.72 -9.43
C VAL B 125 -4.18 5.71 -9.71
N LEU B 126 -3.45 6.72 -9.22
CA LEU B 126 -2.00 6.74 -9.44
C LEU B 126 -1.35 5.50 -8.88
N LEU B 127 -1.80 5.08 -7.69
CA LEU B 127 -1.28 3.83 -7.11
C LEU B 127 -1.61 2.63 -8.00
N TYR B 128 -2.83 2.56 -8.52
CA TYR B 128 -3.22 1.47 -9.43
C TYR B 128 -2.30 1.45 -10.65
N MET B 129 -1.98 2.63 -11.19
CA MET B 129 -1.12 2.66 -12.37
C MET B 129 0.28 2.15 -12.05
N ALA B 130 0.85 2.57 -10.92
CA ALA B 130 2.18 2.07 -10.55
C ALA B 130 2.15 0.57 -10.30
N THR B 131 1.06 0.07 -9.69
CA THR B 131 0.95 -1.36 -9.40
C THR B 131 0.96 -2.17 -10.69
N GLN B 132 0.20 -1.73 -11.70
CA GLN B 132 0.16 -2.45 -12.96
C GLN B 132 1.53 -2.47 -13.65
N ILE B 133 2.23 -1.34 -13.61
CA ILE B 133 3.54 -1.29 -14.24
C ILE B 133 4.50 -2.23 -13.53
N SER B 134 4.47 -2.24 -12.19
CA SER B 134 5.33 -3.15 -11.45
C SER B 134 5.00 -4.60 -11.77
N SER B 135 3.74 -4.90 -12.05
CA SER B 135 3.35 -6.27 -12.41
C SER B 135 3.95 -6.68 -13.76
N ALA B 136 3.86 -5.79 -14.76
CA ALA B 136 4.50 -6.08 -16.04
C ALA B 136 5.99 -6.27 -15.88
N MET B 137 6.63 -5.47 -15.01
CA MET B 137 8.06 -5.59 -14.85
C MET B 137 8.46 -6.84 -14.08
N GLU B 138 7.66 -7.27 -13.10
CA GLU B 138 7.95 -8.56 -12.47
C GLU B 138 7.88 -9.69 -13.50
N TYR B 139 6.96 -9.58 -14.45
CA TYR B 139 6.85 -10.60 -15.49
C TYR B 139 8.09 -10.62 -16.38
N LEU B 140 8.56 -9.44 -16.81
CA LEU B 140 9.78 -9.40 -17.63
C LEU B 140 10.98 -9.93 -16.84
N GLU B 141 11.03 -9.62 -15.55
CA GLU B 141 12.08 -10.13 -14.68
C GLU B 141 12.03 -11.66 -14.62
N LYS B 142 10.83 -12.21 -14.42
CA LYS B 142 10.67 -13.67 -14.37
C LYS B 142 11.07 -14.32 -15.68
N LYS B 143 10.78 -13.69 -16.82
CA LYS B 143 11.12 -14.25 -18.13
C LYS B 143 12.53 -13.88 -18.59
N ASN B 144 13.34 -13.26 -17.72
CA ASN B 144 14.73 -12.88 -18.01
C ASN B 144 14.85 -11.93 -19.20
N PHE B 145 13.92 -10.99 -19.31
CA PHE B 145 14.01 -9.89 -20.25
C PHE B 145 14.48 -8.65 -19.52
N ILE B 146 15.06 -7.73 -20.29
CA ILE B 146 15.42 -6.39 -19.82
C ILE B 146 14.68 -5.40 -20.69
N HIS B 147 14.07 -4.38 -20.07
CA HIS B 147 13.37 -3.39 -20.88
C HIS B 147 14.35 -2.42 -21.54
N ARG B 148 15.16 -1.74 -20.74
CA ARG B 148 16.23 -0.80 -21.07
C ARG B 148 15.74 0.63 -21.30
N ASP B 149 14.43 0.89 -21.37
CA ASP B 149 13.99 2.27 -21.56
C ASP B 149 12.65 2.49 -20.85
N LEU B 150 12.55 2.04 -19.60
CA LEU B 150 11.30 2.21 -18.87
C LEU B 150 11.12 3.67 -18.48
N ALA B 151 9.94 4.21 -18.80
CA ALA B 151 9.58 5.61 -18.55
C ALA B 151 8.10 5.77 -18.89
N ALA B 152 7.49 6.83 -18.34
CA ALA B 152 6.06 7.05 -18.58
C ALA B 152 5.75 7.24 -20.06
N ARG B 153 6.67 7.84 -20.82
CA ARG B 153 6.44 8.01 -22.24
C ARG B 153 6.34 6.69 -22.99
N ASN B 154 6.83 5.58 -22.39
CA ASN B 154 6.74 4.26 -23.01
C ASN B 154 5.61 3.40 -22.46
N CYS B 155 4.67 3.98 -21.72
CA CYS B 155 3.49 3.29 -21.23
C CYS B 155 2.24 3.81 -21.92
N LEU B 156 1.19 2.98 -21.97
CA LEU B 156 -0.06 3.30 -22.64
C LEU B 156 -1.23 3.13 -21.68
N VAL B 157 -2.31 3.88 -21.92
CA VAL B 157 -3.48 3.93 -21.05
C VAL B 157 -4.71 3.48 -21.82
N GLY B 158 -5.49 2.57 -21.22
CA GLY B 158 -6.72 2.09 -21.82
C GLY B 158 -7.92 2.41 -20.95
N GLU B 159 -9.05 1.73 -21.18
CA GLU B 159 -10.25 1.96 -20.39
C GLU B 159 -10.03 1.56 -18.92
N ASN B 160 -10.78 2.21 -18.03
CA ASN B 160 -10.74 1.87 -16.61
C ASN B 160 -9.33 1.96 -16.04
N HIS B 161 -8.55 2.93 -16.53
CA HIS B 161 -7.20 3.23 -16.05
C HIS B 161 -6.25 2.05 -16.22
N LEU B 162 -6.56 1.16 -17.17
CA LEU B 162 -5.62 0.12 -17.56
C LEU B 162 -4.34 0.75 -18.07
N VAL B 163 -3.20 0.21 -17.65
CA VAL B 163 -1.88 0.70 -18.08
C VAL B 163 -1.08 -0.47 -18.60
N LYS B 164 -0.46 -0.31 -19.75
CA LYS B 164 0.41 -1.32 -20.32
C LYS B 164 1.79 -0.74 -20.59
N VAL B 165 2.80 -1.54 -20.32
CA VAL B 165 4.18 -1.17 -20.62
C VAL B 165 4.47 -1.52 -22.07
N ALA B 166 5.13 -0.61 -22.77
CA ALA B 166 5.52 -0.84 -24.16
C ALA B 166 6.96 -0.36 -24.34
N ASP B 167 7.42 -0.27 -25.59
CA ASP B 167 8.76 0.22 -25.87
C ASP B 167 8.77 0.77 -27.29
N PHE B 168 8.71 2.10 -27.40
CA PHE B 168 8.54 2.75 -28.69
C PHE B 168 9.84 3.14 -29.37
N GLY B 169 10.98 3.01 -28.69
CA GLY B 169 12.25 3.40 -29.27
C GLY B 169 12.46 4.90 -29.23
N ALA B 185 24.80 6.76 -29.00
CA ALA B 185 25.13 7.49 -27.78
C ALA B 185 23.97 8.43 -27.38
N LYS B 186 22.75 7.93 -27.51
CA LYS B 186 21.52 8.69 -27.23
C LYS B 186 20.84 8.06 -26.03
N PHE B 187 20.99 8.69 -24.85
CA PHE B 187 20.41 8.15 -23.61
C PHE B 187 19.31 9.07 -23.07
N PRO B 188 18.32 8.50 -22.33
CA PRO B 188 17.51 9.30 -21.42
C PRO B 188 18.26 9.33 -20.09
N ILE B 189 19.20 10.28 -19.98
CA ILE B 189 20.12 10.34 -18.85
C ILE B 189 19.38 10.29 -17.52
N LYS B 190 18.29 11.05 -17.39
CA LYS B 190 17.69 11.16 -16.07
C LYS B 190 16.92 9.91 -15.64
N TRP B 191 16.76 8.93 -16.54
CA TRP B 191 16.17 7.63 -16.19
C TRP B 191 17.21 6.54 -16.06
N THR B 192 18.49 6.85 -16.28
CA THR B 192 19.52 5.83 -16.51
C THR B 192 20.32 5.56 -15.25
N ALA B 193 20.41 4.29 -14.88
CA ALA B 193 21.15 3.88 -13.70
C ALA B 193 22.64 4.23 -13.81
N PRO B 194 23.29 4.50 -12.67
CA PRO B 194 24.71 4.89 -12.70
C PRO B 194 25.63 3.91 -13.40
N GLU B 195 25.46 2.61 -13.18
CA GLU B 195 26.30 1.63 -13.86
C GLU B 195 26.02 1.58 -15.35
N SER B 196 24.83 2.00 -15.78
CA SER B 196 24.56 2.07 -17.21
C SER B 196 25.24 3.28 -17.82
N LEU B 197 25.23 4.42 -17.13
CA LEU B 197 25.94 5.60 -17.60
C LEU B 197 27.44 5.35 -17.69
N ALA B 198 28.02 4.82 -16.61
CA ALA B 198 29.47 4.73 -16.52
C ALA B 198 30.03 3.54 -17.29
N TYR B 199 29.31 2.41 -17.32
CA TYR B 199 29.89 1.16 -17.81
C TYR B 199 29.06 0.52 -18.92
N ASN B 200 28.00 1.19 -19.39
CA ASN B 200 27.14 0.63 -20.41
C ASN B 200 26.54 -0.71 -19.98
N LYS B 201 26.34 -0.90 -18.68
CA LYS B 201 25.82 -2.16 -18.16
C LYS B 201 24.33 -2.00 -17.87
N PHE B 202 23.51 -2.79 -18.56
CA PHE B 202 22.06 -2.75 -18.40
C PHE B 202 21.62 -4.11 -17.89
N SER B 203 20.64 -4.12 -17.00
CA SER B 203 20.15 -5.34 -16.38
C SER B 203 18.74 -5.06 -15.87
N ILE B 204 18.09 -6.10 -15.33
CA ILE B 204 16.79 -5.86 -14.70
C ILE B 204 16.95 -4.85 -13.56
N LYS B 205 18.13 -4.80 -12.94
CA LYS B 205 18.32 -3.83 -11.85
C LYS B 205 18.44 -2.40 -12.38
N SER B 206 18.91 -2.20 -13.62
CA SER B 206 18.84 -0.85 -14.16
C SER B 206 17.41 -0.49 -14.56
N ASP B 207 16.59 -1.49 -14.92
CA ASP B 207 15.16 -1.22 -15.08
C ASP B 207 14.54 -0.79 -13.75
N VAL B 208 14.96 -1.42 -12.64
CA VAL B 208 14.43 -1.05 -11.33
C VAL B 208 14.73 0.42 -11.04
N TRP B 209 15.96 0.85 -11.31
CA TRP B 209 16.29 2.27 -11.18
C TRP B 209 15.33 3.15 -11.98
N ALA B 210 15.12 2.82 -13.25
CA ALA B 210 14.24 3.62 -14.10
C ALA B 210 12.81 3.60 -13.57
N PHE B 211 12.38 2.47 -13.01
CA PHE B 211 11.05 2.41 -12.41
C PHE B 211 10.90 3.44 -11.29
N GLY B 212 11.91 3.59 -10.44
CA GLY B 212 11.87 4.64 -9.43
C GLY B 212 11.67 6.03 -10.04
N VAL B 213 12.35 6.29 -11.16
CA VAL B 213 12.15 7.59 -11.81
C VAL B 213 10.72 7.69 -12.37
N LEU B 214 10.22 6.60 -12.94
CA LEU B 214 8.83 6.60 -13.42
C LEU B 214 7.85 6.87 -12.28
N LEU B 215 8.11 6.32 -11.09
CA LEU B 215 7.27 6.65 -9.93
C LEU B 215 7.24 8.15 -9.68
N TRP B 216 8.39 8.79 -9.81
CA TRP B 216 8.46 10.25 -9.63
C TRP B 216 7.66 10.97 -10.71
N GLU B 217 7.69 10.46 -11.94
CA GLU B 217 6.86 11.01 -13.00
C GLU B 217 5.38 10.91 -12.64
N ILE B 218 4.97 9.77 -12.09
CA ILE B 218 3.57 9.59 -11.67
C ILE B 218 3.22 10.57 -10.57
N ALA B 219 4.09 10.68 -9.55
CA ALA B 219 3.79 11.54 -8.39
C ALA B 219 3.66 13.01 -8.77
N THR B 220 4.30 13.43 -9.86
CA THR B 220 4.27 14.84 -10.28
C THR B 220 3.32 15.09 -11.44
N TYR B 221 2.53 14.08 -11.82
CA TYR B 221 1.65 14.15 -13.00
C TYR B 221 2.45 14.51 -14.25
N GLY B 222 3.63 13.92 -14.40
CA GLY B 222 4.37 14.04 -15.64
C GLY B 222 5.37 15.17 -15.72
N MET B 223 5.91 15.65 -14.61
CA MET B 223 6.99 16.62 -14.66
CA MET B 223 6.97 16.62 -14.74
C MET B 223 8.28 15.93 -15.12
N SER B 224 9.22 16.74 -15.59
CA SER B 224 10.52 16.19 -15.95
C SER B 224 11.40 16.06 -14.71
N PRO B 225 12.10 14.94 -14.56
CA PRO B 225 12.86 14.68 -13.32
C PRO B 225 14.06 15.60 -13.18
N TYR B 226 14.63 15.60 -11.97
CA TYR B 226 15.74 16.46 -11.55
C TYR B 226 15.51 17.89 -12.03
N PRO B 227 14.45 18.56 -11.57
CA PRO B 227 14.08 19.85 -12.16
C PRO B 227 15.23 20.84 -12.16
N GLY B 228 15.51 21.38 -13.35
CA GLY B 228 16.52 22.41 -13.51
C GLY B 228 17.95 21.94 -13.42
N ILE B 229 18.21 20.67 -13.14
CA ILE B 229 19.57 20.19 -12.93
C ILE B 229 20.20 19.82 -14.28
N ASP B 230 21.38 20.37 -14.54
CA ASP B 230 22.17 20.03 -15.72
C ASP B 230 22.35 18.52 -15.83
N LEU B 231 21.82 17.93 -16.90
CA LEU B 231 21.89 16.47 -17.02
C LEU B 231 23.33 15.99 -17.18
N SER B 232 24.24 16.85 -17.64
CA SER B 232 25.64 16.47 -17.75
C SER B 232 26.31 16.32 -16.39
N GLN B 233 25.65 16.74 -15.30
CA GLN B 233 26.21 16.61 -13.97
C GLN B 233 25.49 15.59 -13.11
N VAL B 234 24.51 14.88 -13.69
CA VAL B 234 23.68 13.99 -12.89
C VAL B 234 24.49 12.80 -12.38
N TYR B 235 25.37 12.23 -13.22
CA TYR B 235 26.14 11.06 -12.80
C TYR B 235 26.94 11.35 -11.53
N GLU B 236 27.70 12.43 -11.52
CA GLU B 236 28.54 12.73 -10.37
C GLU B 236 27.73 13.10 -9.14
N LEU B 237 26.58 13.75 -9.32
CA LEU B 237 25.69 14.01 -8.19
C LEU B 237 25.21 12.70 -7.57
N LEU B 238 24.77 11.76 -8.41
CA LEU B 238 24.33 10.45 -7.93
C LEU B 238 25.44 9.73 -7.17
N GLU B 239 26.66 9.78 -7.70
CA GLU B 239 27.81 9.17 -7.04
C GLU B 239 28.05 9.77 -5.67
N LYS B 240 27.70 11.04 -5.47
CA LYS B 240 27.84 11.71 -4.18
C LYS B 240 26.57 11.62 -3.35
N ASP B 241 25.65 10.73 -3.71
CA ASP B 241 24.45 10.40 -2.94
C ASP B 241 23.39 11.50 -3.01
N TYR B 242 23.40 12.31 -4.06
CA TYR B 242 22.26 13.18 -4.31
C TYR B 242 21.13 12.35 -4.89
N ARG B 243 19.91 12.56 -4.38
CA ARG B 243 18.70 11.99 -4.97
C ARG B 243 17.59 13.03 -4.91
N MET B 244 16.61 12.88 -5.79
CA MET B 244 15.45 13.77 -5.75
C MET B 244 14.74 13.66 -4.40
N GLU B 245 14.28 14.79 -3.90
CA GLU B 245 13.48 14.79 -2.67
C GLU B 245 12.09 14.21 -2.94
N ARG B 246 11.40 13.85 -1.86
CA ARG B 246 10.02 13.38 -1.99
C ARG B 246 9.16 14.47 -2.63
N PRO B 247 8.46 14.18 -3.71
CA PRO B 247 7.60 15.20 -4.33
C PRO B 247 6.34 15.43 -3.50
N GLU B 248 5.77 16.62 -3.66
CA GLU B 248 4.58 17.02 -2.90
C GLU B 248 3.47 15.97 -3.02
N GLY B 249 2.95 15.54 -1.87
CA GLY B 249 1.83 14.63 -1.83
C GLY B 249 2.17 13.17 -2.03
N CYS B 250 3.43 12.84 -2.27
CA CYS B 250 3.78 11.44 -2.52
C CYS B 250 3.70 10.64 -1.22
N PRO B 251 3.00 9.50 -1.20
CA PRO B 251 2.97 8.69 0.02
C PRO B 251 4.37 8.27 0.45
N GLU B 252 4.58 8.19 1.76
CA GLU B 252 5.92 7.94 2.28
C GLU B 252 6.45 6.57 1.85
N LYS B 253 5.60 5.53 1.86
CA LYS B 253 6.07 4.22 1.43
C LYS B 253 6.44 4.22 -0.06
N VAL B 254 5.72 4.99 -0.89
CA VAL B 254 6.09 5.10 -2.30
C VAL B 254 7.45 5.76 -2.43
N TYR B 255 7.69 6.83 -1.66
CA TYR B 255 9.01 7.46 -1.72
C TYR B 255 10.09 6.53 -1.20
N GLU B 256 9.79 5.77 -0.15
CA GLU B 256 10.76 4.80 0.33
C GLU B 256 11.12 3.81 -0.77
N LEU B 257 10.14 3.40 -1.57
CA LEU B 257 10.41 2.48 -2.67
C LEU B 257 11.24 3.14 -3.78
N MET B 258 10.94 4.40 -4.11
CA MET B 258 11.78 5.15 -5.04
C MET B 258 13.23 5.15 -4.58
N ARG B 259 13.47 5.47 -3.30
CA ARG B 259 14.84 5.54 -2.81
C ARG B 259 15.51 4.17 -2.83
N ALA B 260 14.76 3.11 -2.57
CA ALA B 260 15.32 1.77 -2.68
C ALA B 260 15.69 1.45 -4.14
N CYS B 261 14.84 1.87 -5.09
CA CYS B 261 15.15 1.71 -6.50
C CYS B 261 16.43 2.45 -6.89
N TRP B 262 16.76 3.53 -6.19
CA TRP B 262 17.90 4.36 -6.54
C TRP B 262 19.12 4.07 -5.66
N GLN B 263 19.20 2.86 -5.11
CA GLN B 263 20.42 2.46 -4.42
C GLN B 263 21.58 2.41 -5.42
N TRP B 264 22.75 2.90 -4.99
CA TRP B 264 23.89 2.96 -5.90
C TRP B 264 24.25 1.57 -6.43
N ASN B 265 24.33 0.59 -5.54
CA ASN B 265 24.71 -0.76 -5.97
C ASN B 265 23.50 -1.49 -6.55
N PRO B 266 23.57 -1.99 -7.79
CA PRO B 266 22.42 -2.71 -8.37
C PRO B 266 21.91 -3.84 -7.47
N SER B 267 22.81 -4.55 -6.81
CA SER B 267 22.37 -5.69 -6.00
C SER B 267 21.60 -5.26 -4.75
N ASP B 268 21.74 -4.01 -4.31
CA ASP B 268 21.00 -3.49 -3.18
C ASP B 268 19.57 -3.06 -3.53
N ARG B 269 19.26 -2.91 -4.83
CA ARG B 269 17.92 -2.55 -5.25
C ARG B 269 16.97 -3.74 -5.11
N PRO B 270 15.71 -3.48 -4.82
CA PRO B 270 14.73 -4.57 -4.74
C PRO B 270 14.46 -5.20 -6.09
N SER B 271 14.02 -6.45 -6.06
CA SER B 271 13.52 -7.09 -7.27
C SER B 271 12.16 -6.52 -7.63
N PHE B 272 11.75 -6.71 -8.90
CA PHE B 272 10.40 -6.31 -9.26
C PHE B 272 9.36 -7.18 -8.56
N ALA B 273 9.69 -8.43 -8.23
CA ALA B 273 8.79 -9.22 -7.39
C ALA B 273 8.50 -8.52 -6.06
N GLU B 274 9.56 -8.03 -5.40
CA GLU B 274 9.37 -7.33 -4.14
C GLU B 274 8.60 -6.03 -4.33
N ILE B 275 8.91 -5.29 -5.41
CA ILE B 275 8.23 -4.02 -5.68
C ILE B 275 6.76 -4.27 -5.97
N HIS B 276 6.47 -5.24 -6.84
CA HIS B 276 5.09 -5.54 -7.17
C HIS B 276 4.30 -5.95 -5.93
N GLN B 277 4.90 -6.78 -5.06
CA GLN B 277 4.21 -7.18 -3.83
C GLN B 277 3.93 -5.97 -2.93
N ALA B 278 4.91 -5.08 -2.80
CA ALA B 278 4.68 -3.85 -2.03
C ALA B 278 3.49 -3.06 -2.60
N PHE B 279 3.43 -2.92 -3.94
CA PHE B 279 2.35 -2.13 -4.53
C PHE B 279 0.99 -2.82 -4.43
N GLU B 280 0.93 -4.14 -4.66
CA GLU B 280 -0.36 -4.80 -4.50
C GLU B 280 -0.85 -4.70 -3.07
N THR B 281 0.06 -4.80 -2.11
CA THR B 281 -0.31 -4.69 -0.70
C THR B 281 -0.87 -3.29 -0.40
N MET B 282 -0.19 -2.25 -0.90
CA MET B 282 -0.66 -0.87 -0.71
C MET B 282 -1.98 -0.63 -1.43
N PHE B 283 -2.13 -1.19 -2.63
CA PHE B 283 -3.30 -0.94 -3.45
C PHE B 283 -4.54 -1.53 -2.81
N GLN B 284 -4.40 -2.71 -2.19
CA GLN B 284 -5.51 -3.28 -1.45
C GLN B 284 -5.93 -2.37 -0.30
N GLU B 285 -4.95 -1.90 0.49
CA GLU B 285 -5.26 -0.98 1.58
C GLU B 285 -5.96 0.27 1.07
N SER B 286 -5.45 0.83 -0.02
CA SER B 286 -6.01 2.07 -0.53
C SER B 286 -7.43 1.85 -1.04
N SER B 287 -7.67 0.70 -1.66
CA SER B 287 -9.01 0.40 -2.17
C SER B 287 -10.01 0.25 -1.02
N ILE B 288 -9.60 -0.44 0.05
CA ILE B 288 -10.46 -0.57 1.22
C ILE B 288 -10.77 0.79 1.80
N SER B 289 -9.74 1.62 1.98
CA SER B 289 -9.96 2.95 2.54
C SER B 289 -10.87 3.79 1.64
N ASP B 290 -10.70 3.66 0.31
CA ASP B 290 -11.57 4.41 -0.60
C ASP B 290 -13.04 4.04 -0.40
N GLU B 291 -13.32 2.75 -0.23
CA GLU B 291 -14.70 2.31 0.02
C GLU B 291 -15.22 2.81 1.35
N VAL B 292 -14.39 2.76 2.40
CA VAL B 292 -14.80 3.30 3.70
C VAL B 292 -15.15 4.77 3.59
N GLU B 293 -14.28 5.56 2.94
CA GLU B 293 -14.52 6.98 2.82
C GLU B 293 -15.78 7.26 2.00
N LYS B 294 -16.03 6.45 0.96
CA LYS B 294 -17.25 6.63 0.18
C LYS B 294 -18.49 6.31 1.00
N GLU B 295 -18.42 5.28 1.83
CA GLU B 295 -19.57 4.92 2.67
C GLU B 295 -19.88 6.02 3.69
N LEU B 296 -18.87 6.73 4.19
CA LEU B 296 -19.08 7.83 5.12
C LEU B 296 -19.96 8.95 4.55
#